data_5WDW
#
_entry.id   5WDW
#
_cell.length_a   90.744
_cell.length_b   90.744
_cell.length_c   135.876
_cell.angle_alpha   90.000
_cell.angle_beta   90.000
_cell.angle_gamma   90.000
#
_symmetry.space_group_name_H-M   'I 4 2 2'
#
loop_
_entity.id
_entity.type
_entity.pdbx_description
1 polymer 'Polymerase acidic protein'
2 non-polymer 'MANGANESE (II) ION'
3 non-polymer 2-[(2S)-1-{[(2-chlorophenyl)sulfanyl]acetyl}pyrrolidin-2-yl]-N-{[(2S)-2,3-dihydro-1-benzofuran-2-yl]methyl}-5-hydroxy-6-oxo-1,6-dihydropyrimidine-4-carboxamide
4 water water
#
_entity_poly.entity_id   1
_entity_poly.type   'polypeptide(L)'
_entity_poly.pdbx_seq_one_letter_code
;MGSSHHHHHHSSGLVPRGSHMEDFVRQCFNPMIVELAEKAMKEYGEDPKIETNKFAAICTHLEVCFMYSDGGSKHRFEII
EGRDRIMAWTVVNSICNTTGVEKPKFLPDLYDYKENRFIEIGVTRREVHIYYLEKANKIKSEKTHIHIFSFTGEEMATKA
DYTLDEESRARIKTRLFTIRQEMASRSLWDSFRQSER
;
_entity_poly.pdbx_strand_id   A
#
loop_
_chem_comp.id
_chem_comp.type
_chem_comp.name
_chem_comp.formula
8KU non-polymer 2-[(2S)-1-{[(2-chlorophenyl)sulfanyl]acetyl}pyrrolidin-2-yl]-N-{[(2S)-2,3-dihydro-1-benzofuran-2-yl]methyl}-5-hydroxy-6-oxo-1,6-dihydropyrimidine-4-carboxamide 'C26 H25 Cl N4 O5 S'
MN non-polymer 'MANGANESE (II) ION' 'Mn 2'
#
# COMPACT_ATOMS: atom_id res chain seq x y z
N ARG A 17 -23.07 15.29 -5.18
CA ARG A 17 -23.47 13.89 -5.19
C ARG A 17 -22.67 13.07 -4.17
N GLY A 18 -23.37 12.17 -3.47
CA GLY A 18 -22.72 11.27 -2.53
C GLY A 18 -22.92 9.82 -2.90
N SER A 19 -21.83 9.10 -3.12
CA SER A 19 -21.90 7.72 -3.60
C SER A 19 -21.97 6.74 -2.44
N HIS A 20 -22.26 5.48 -2.78
CA HIS A 20 -22.26 4.41 -1.78
C HIS A 20 -20.83 4.01 -1.42
N MET A 21 -19.94 3.98 -2.41
CA MET A 21 -18.56 3.60 -2.15
C MET A 21 -17.90 4.56 -1.17
N GLU A 22 -18.17 5.86 -1.31
CA GLU A 22 -17.60 6.84 -0.40
C GLU A 22 -18.07 6.60 1.04
N ASP A 23 -19.38 6.40 1.22
CA ASP A 23 -19.90 6.18 2.57
C ASP A 23 -19.41 4.85 3.13
N PHE A 24 -19.09 3.89 2.26
CA PHE A 24 -18.54 2.62 2.74
C PHE A 24 -17.10 2.78 3.19
N VAL A 25 -16.30 3.56 2.45
CA VAL A 25 -14.89 3.72 2.78
C VAL A 25 -14.74 4.39 4.15
N ARG A 26 -15.56 5.41 4.43
CA ARG A 26 -15.45 6.12 5.69
C ARG A 26 -15.88 5.24 6.86
N GLN A 27 -16.74 4.25 6.62
CA GLN A 27 -17.19 3.36 7.67
C GLN A 27 -16.29 2.13 7.83
N CYS A 28 -15.56 1.75 6.78
CA CYS A 28 -14.75 0.53 6.83
C CYS A 28 -13.39 0.79 7.49
N PHE A 29 -12.70 1.83 7.07
CA PHE A 29 -11.36 2.14 7.55
C PHE A 29 -11.43 3.15 8.69
N ASN A 30 -10.41 3.11 9.54
CA ASN A 30 -10.39 3.99 10.70
C ASN A 30 -10.17 5.44 10.26
N PRO A 31 -10.60 6.41 11.09
CA PRO A 31 -10.52 7.82 10.66
C PRO A 31 -9.11 8.29 10.34
N MET A 32 -8.09 7.77 11.04
CA MET A 32 -6.72 8.17 10.72
C MET A 32 -6.32 7.75 9.31
N ILE A 33 -6.82 6.62 8.83
CA ILE A 33 -6.49 6.19 7.47
C ILE A 33 -7.21 7.05 6.44
N VAL A 34 -8.49 7.35 6.70
CA VAL A 34 -9.32 8.08 5.75
C VAL A 34 -8.74 9.46 5.48
N GLU A 35 -8.40 10.20 6.54
CA GLU A 35 -7.91 11.56 6.32
C GLU A 35 -6.50 11.55 5.71
N LEU A 36 -5.70 10.54 6.03
CA LEU A 36 -4.41 10.42 5.37
C LEU A 36 -4.57 10.13 3.89
N ALA A 37 -5.60 9.36 3.52
CA ALA A 37 -5.90 9.12 2.11
C ALA A 37 -6.51 10.37 1.46
N GLU A 38 -7.42 11.04 2.16
CA GLU A 38 -8.03 12.25 1.63
C GLU A 38 -6.98 13.32 1.37
N LYS A 39 -6.10 13.55 2.34
CA LYS A 39 -5.04 14.54 2.15
C LYS A 39 -4.13 14.15 1.00
N ALA A 40 -3.83 12.86 0.84
CA ALA A 40 -2.94 12.43 -0.23
C ALA A 40 -3.59 12.60 -1.60
N MET A 41 -4.90 12.29 -1.70
CA MET A 41 -5.60 12.46 -2.97
C MET A 41 -5.65 13.92 -3.38
N LYS A 42 -6.06 14.80 -2.47
CA LYS A 42 -6.13 16.22 -2.79
C LYS A 42 -4.74 16.80 -3.05
N GLU A 43 -3.72 16.29 -2.34
CA GLU A 43 -2.35 16.72 -2.61
C GLU A 43 -1.95 16.46 -4.05
N TYR A 44 -2.44 15.36 -4.64
CA TYR A 44 -2.20 15.06 -6.05
C TYR A 44 -3.36 15.46 -6.94
N GLY A 45 -4.33 16.21 -6.41
CA GLY A 45 -5.33 16.86 -7.24
C GLY A 45 -6.49 16.00 -7.69
N GLU A 46 -6.89 15.00 -6.89
CA GLU A 46 -8.02 14.16 -7.25
C GLU A 46 -9.02 14.14 -6.11
N ASP A 47 -10.30 14.13 -6.47
CA ASP A 47 -11.37 14.29 -5.49
C ASP A 47 -11.84 12.93 -4.99
N PRO A 48 -11.74 12.65 -3.70
CA PRO A 48 -12.29 11.39 -3.16
C PRO A 48 -13.80 11.27 -3.33
N LYS A 49 -14.51 12.37 -3.59
CA LYS A 49 -15.95 12.31 -3.79
C LYS A 49 -16.33 11.72 -5.13
N ILE A 50 -15.46 11.80 -6.13
CA ILE A 50 -15.76 11.39 -7.49
C ILE A 50 -15.03 10.12 -7.88
N GLU A 51 -13.71 10.08 -7.64
CA GLU A 51 -12.94 8.85 -7.87
C GLU A 51 -12.96 7.99 -6.61
N THR A 52 -14.17 7.52 -6.31
CA THR A 52 -14.42 6.80 -5.06
C THR A 52 -13.70 5.45 -5.04
N ASN A 53 -13.53 4.82 -6.19
CA ASN A 53 -12.87 3.51 -6.22
C ASN A 53 -11.40 3.64 -5.88
N LYS A 54 -10.74 4.70 -6.35
CA LYS A 54 -9.35 4.93 -5.96
C LYS A 54 -9.26 5.39 -4.51
N PHE A 55 -10.28 6.09 -4.02
CA PHE A 55 -10.37 6.41 -2.60
C PHE A 55 -10.31 5.13 -1.76
N ALA A 56 -11.08 4.13 -2.16
CA ALA A 56 -11.05 2.84 -1.46
C ALA A 56 -9.68 2.17 -1.61
N ALA A 57 -9.07 2.30 -2.78
CA ALA A 57 -7.79 1.62 -3.00
C ALA A 57 -6.67 2.22 -2.19
N ILE A 58 -6.69 3.54 -1.97
CA ILE A 58 -5.63 4.17 -1.20
C ILE A 58 -5.75 3.81 0.28
N CYS A 59 -6.97 3.87 0.82
CA CYS A 59 -7.20 3.43 2.20
C CYS A 59 -6.77 1.97 2.39
N THR A 60 -7.09 1.11 1.43
CA THR A 60 -6.69 -0.29 1.52
C THR A 60 -5.17 -0.41 1.52
N HIS A 61 -4.51 0.19 0.54
CA HIS A 61 -3.06 0.15 0.45
C HIS A 61 -2.41 0.76 1.67
N LEU A 62 -3.00 1.83 2.20
CA LEU A 62 -2.45 2.47 3.39
C LEU A 62 -2.53 1.55 4.60
N GLU A 63 -3.68 0.89 4.80
CA GLU A 63 -3.83 0.00 5.94
C GLU A 63 -2.86 -1.17 5.84
N VAL A 64 -2.63 -1.68 4.63
CA VAL A 64 -1.70 -2.78 4.46
C VAL A 64 -0.28 -2.34 4.83
N CYS A 65 0.07 -1.09 4.49
CA CYS A 65 1.38 -0.58 4.85
C CYS A 65 1.55 -0.50 6.36
N PHE A 66 0.50 -0.05 7.08
CA PHE A 66 0.60 0.05 8.53
C PHE A 66 0.64 -1.33 9.18
N MET A 67 -0.17 -2.26 8.70
CA MET A 67 -0.10 -3.64 9.20
C MET A 67 1.27 -4.24 8.94
N TYR A 68 1.83 -3.98 7.75
CA TYR A 68 3.18 -4.44 7.44
C TYR A 68 4.19 -3.87 8.42
N SER A 69 4.08 -2.58 8.73
CA SER A 69 4.99 -1.95 9.68
C SER A 69 4.86 -2.56 11.07
N ASP A 70 3.67 -3.03 11.43
CA ASP A 70 3.43 -3.65 12.72
C ASP A 70 3.92 -5.09 12.78
N GLY A 71 4.52 -5.61 11.72
CA GLY A 71 4.92 -7.01 11.67
C GLY A 71 6.25 -7.30 12.31
N GLY A 72 7.25 -6.47 12.02
CA GLY A 72 8.59 -6.67 12.55
C GLY A 72 8.73 -6.22 13.99
N SER A 73 9.95 -5.86 14.37
CA SER A 73 10.21 -5.37 15.71
C SER A 73 9.71 -3.92 15.83
N LYS A 74 9.97 -3.32 16.99
CA LYS A 74 9.45 -1.98 17.28
C LYS A 74 10.06 -0.94 16.35
N HIS A 75 11.39 -0.88 16.29
CA HIS A 75 12.06 0.12 15.47
C HIS A 75 12.72 -0.53 14.25
N ARG A 76 11.95 -1.29 13.48
CA ARG A 76 12.47 -1.94 12.27
C ARG A 76 12.03 -1.24 11.00
N PHE A 77 10.75 -0.90 10.88
CA PHE A 77 10.22 -0.32 9.66
C PHE A 77 10.04 1.19 9.81
N GLU A 78 10.40 1.92 8.76
CA GLU A 78 10.17 3.36 8.67
C GLU A 78 9.13 3.59 7.57
N ILE A 79 8.01 4.21 7.94
CA ILE A 79 6.90 4.39 7.01
C ILE A 79 7.11 5.66 6.19
N ILE A 80 7.07 5.51 4.87
CA ILE A 80 7.20 6.62 3.95
C ILE A 80 5.85 7.02 3.35
N GLU A 81 4.99 6.05 3.11
CA GLU A 81 3.66 6.31 2.57
C GLU A 81 2.81 7.03 3.61
N GLY A 82 1.81 7.77 3.12
CA GLY A 82 0.94 8.54 4.00
C GLY A 82 1.46 9.92 4.32
N ARG A 83 2.77 10.10 4.31
CA ARG A 83 3.37 11.41 4.55
C ARG A 83 3.07 12.35 3.40
N ASP A 84 3.24 13.64 3.65
CA ASP A 84 3.22 14.58 2.54
C ASP A 84 4.45 14.36 1.66
N ARG A 85 4.32 14.75 0.38
CA ARG A 85 5.34 14.43 -0.61
C ARG A 85 6.71 14.95 -0.20
N ILE A 86 6.76 16.17 0.35
CA ILE A 86 8.05 16.75 0.74
C ILE A 86 8.66 15.99 1.90
N MET A 87 7.85 15.71 2.94
CA MET A 87 8.37 15.01 4.10
C MET A 87 8.71 13.57 3.78
N ALA A 88 7.93 12.92 2.92
CA ALA A 88 8.25 11.55 2.51
C ALA A 88 9.61 11.49 1.85
N TRP A 89 9.95 12.49 1.05
CA TRP A 89 11.28 12.55 0.45
C TRP A 89 12.35 12.94 1.46
N THR A 90 12.01 13.78 2.43
CA THR A 90 12.97 14.16 3.46
C THR A 90 13.46 12.94 4.23
N VAL A 91 12.53 12.04 4.59
CA VAL A 91 12.91 10.84 5.34
C VAL A 91 13.79 9.94 4.48
N VAL A 92 13.53 9.90 3.17
CA VAL A 92 14.28 9.02 2.28
C VAL A 92 15.73 9.46 2.19
N ASN A 93 15.96 10.76 2.02
CA ASN A 93 17.34 11.25 1.96
C ASN A 93 18.06 10.98 3.27
N SER A 94 17.40 11.24 4.41
CA SER A 94 18.01 10.94 5.70
C SER A 94 18.42 9.46 5.79
N ILE A 95 17.51 8.56 5.37
CA ILE A 95 17.85 7.14 5.38
C ILE A 95 18.98 6.84 4.40
N CYS A 96 18.94 7.44 3.21
CA CYS A 96 19.94 7.16 2.19
C CYS A 96 21.34 7.56 2.66
N ASN A 97 21.47 8.80 3.15
CA ASN A 97 22.76 9.29 3.63
C ASN A 97 23.15 8.73 4.99
N THR A 98 22.27 7.96 5.63
CA THR A 98 22.60 7.19 6.82
C THR A 98 23.03 5.78 6.46
N THR A 99 22.37 5.18 5.49
CA THR A 99 22.55 3.78 5.16
C THR A 99 23.54 3.57 4.02
N GLY A 100 23.89 4.62 3.30
CA GLY A 100 24.69 4.45 2.11
C GLY A 100 23.93 3.69 1.05
N VAL A 101 22.62 3.85 0.99
CA VAL A 101 21.77 3.17 0.02
C VAL A 101 21.37 4.19 -1.05
N GLU A 102 21.37 3.75 -2.30
CA GLU A 102 21.06 4.62 -3.43
C GLU A 102 19.66 5.21 -3.29
N LYS A 103 19.53 6.48 -3.64
CA LYS A 103 18.24 7.17 -3.55
C LYS A 103 17.31 6.68 -4.65
N PRO A 104 16.15 6.12 -4.33
CA PRO A 104 15.25 5.62 -5.36
C PRO A 104 14.66 6.75 -6.19
N LYS A 105 14.38 6.44 -7.46
CA LYS A 105 13.81 7.44 -8.35
C LYS A 105 12.37 7.75 -8.00
N PHE A 106 11.63 6.76 -7.53
CA PHE A 106 10.23 6.93 -7.15
C PHE A 106 10.08 6.71 -5.65
N LEU A 107 9.04 7.31 -5.09
CA LEU A 107 8.80 7.20 -3.66
C LEU A 107 8.40 5.77 -3.29
N PRO A 108 9.15 5.09 -2.43
CA PRO A 108 8.71 3.77 -1.95
C PRO A 108 7.68 3.90 -0.83
N ASP A 109 7.35 2.80 -0.18
CA ASP A 109 6.36 2.81 0.91
C ASP A 109 6.97 2.63 2.29
N LEU A 110 8.03 1.84 2.42
CA LEU A 110 8.65 1.59 3.72
C LEU A 110 10.16 1.57 3.57
N TYR A 111 10.84 1.39 4.70
CA TYR A 111 12.25 1.05 4.71
C TYR A 111 12.50 0.04 5.82
N ASP A 112 13.18 -1.05 5.50
CA ASP A 112 13.49 -2.11 6.45
C ASP A 112 14.86 -1.85 7.05
N TYR A 113 14.90 -1.42 8.31
CA TYR A 113 16.16 -1.16 8.97
C TYR A 113 16.96 -2.43 9.23
N LYS A 114 16.31 -3.58 9.28
CA LYS A 114 17.02 -4.83 9.55
C LYS A 114 17.65 -5.39 8.29
N GLU A 115 16.93 -5.37 7.17
CA GLU A 115 17.44 -5.88 5.90
C GLU A 115 18.02 -4.78 5.01
N ASN A 116 17.92 -3.52 5.43
CA ASN A 116 18.57 -2.39 4.75
C ASN A 116 18.12 -2.28 3.29
N ARG A 117 16.83 -2.00 3.11
CA ARG A 117 16.26 -1.88 1.78
C ARG A 117 14.90 -1.21 1.87
N PHE A 118 14.60 -0.39 0.86
CA PHE A 118 13.26 0.17 0.73
C PHE A 118 12.31 -0.91 0.20
N ILE A 119 11.02 -0.73 0.48
CA ILE A 119 9.98 -1.70 0.15
C ILE A 119 8.86 -1.00 -0.61
N GLU A 120 8.45 -1.59 -1.72
CA GLU A 120 7.27 -1.16 -2.46
C GLU A 120 6.15 -2.16 -2.21
N ILE A 121 5.01 -1.68 -1.73
CA ILE A 121 3.89 -2.54 -1.36
C ILE A 121 2.79 -2.36 -2.40
N GLY A 122 2.37 -3.45 -3.01
CA GLY A 122 1.30 -3.45 -4.01
C GLY A 122 0.10 -4.21 -3.54
N VAL A 123 -1.09 -3.72 -3.89
CA VAL A 123 -2.35 -4.40 -3.60
C VAL A 123 -3.20 -4.35 -4.86
N THR A 124 -3.60 -5.51 -5.37
CA THR A 124 -4.23 -5.59 -6.68
C THR A 124 -5.50 -6.41 -6.65
N ARG A 125 -6.28 -6.25 -7.73
CA ARG A 125 -7.43 -7.09 -8.04
C ARG A 125 -7.16 -7.92 -9.30
N ARG A 126 -5.89 -8.19 -9.59
CA ARG A 126 -5.49 -8.92 -10.80
C ARG A 126 -4.44 -9.96 -10.42
N GLU A 127 -3.76 -10.50 -11.42
CA GLU A 127 -2.78 -11.56 -11.19
C GLU A 127 -1.50 -10.97 -10.58
N VAL A 128 -0.99 -11.66 -9.55
CA VAL A 128 0.21 -11.18 -8.87
C VAL A 128 1.40 -11.14 -9.83
N HIS A 129 1.44 -12.05 -10.80
CA HIS A 129 2.49 -12.02 -11.80
C HIS A 129 2.41 -10.74 -12.64
N ILE A 130 1.18 -10.35 -13.03
CA ILE A 130 1.01 -9.22 -13.93
C ILE A 130 1.45 -7.92 -13.26
N TYR A 131 1.03 -7.70 -12.01
CA TYR A 131 1.31 -6.41 -11.38
C TYR A 131 2.77 -6.27 -11.01
N TYR A 132 3.41 -7.35 -10.55
CA TYR A 132 4.84 -7.30 -10.26
C TYR A 132 5.61 -6.82 -11.47
N LEU A 133 5.31 -7.38 -12.66
CA LEU A 133 6.04 -7.02 -13.86
C LEU A 133 5.94 -5.52 -14.14
N GLU A 134 4.72 -4.98 -14.10
CA GLU A 134 4.57 -3.54 -14.33
C GLU A 134 5.12 -2.72 -13.15
N LYS A 135 5.07 -3.28 -11.94
CA LYS A 135 5.65 -2.57 -10.80
C LYS A 135 7.17 -2.49 -10.91
N ALA A 136 7.79 -3.54 -11.44
CA ALA A 136 9.23 -3.51 -11.66
C ALA A 136 9.62 -2.70 -12.88
N ASN A 137 8.72 -2.60 -13.86
CA ASN A 137 9.00 -1.80 -15.05
C ASN A 137 9.07 -0.31 -14.72
N LYS A 138 8.15 0.16 -13.88
CA LYS A 138 8.14 1.57 -13.50
C LYS A 138 9.18 1.88 -12.43
N ILE A 139 9.55 0.89 -11.62
CA ILE A 139 10.52 1.11 -10.55
C ILE A 139 11.91 1.33 -11.15
N LYS A 140 12.43 0.35 -11.88
CA LYS A 140 13.72 0.42 -12.55
C LYS A 140 14.86 0.57 -11.54
N SER A 141 14.55 0.40 -10.26
CA SER A 141 15.52 0.46 -9.17
C SER A 141 15.71 -0.96 -8.63
N GLU A 142 16.88 -1.54 -8.89
CA GLU A 142 17.11 -2.95 -8.58
C GLU A 142 17.15 -3.22 -7.08
N LYS A 143 17.39 -2.19 -6.26
CA LYS A 143 17.60 -2.40 -4.83
C LYS A 143 16.30 -2.49 -4.03
N THR A 144 15.26 -1.77 -4.44
CA THR A 144 14.04 -1.70 -3.63
C THR A 144 13.25 -3.01 -3.72
N HIS A 145 13.12 -3.69 -2.58
CA HIS A 145 12.28 -4.87 -2.47
C HIS A 145 10.85 -4.55 -2.91
N ILE A 146 10.19 -5.54 -3.53
CA ILE A 146 8.80 -5.41 -3.97
C ILE A 146 7.99 -6.50 -3.31
N HIS A 147 6.81 -6.14 -2.80
CA HIS A 147 5.93 -7.08 -2.10
C HIS A 147 4.48 -6.80 -2.48
N ILE A 148 3.85 -7.77 -3.14
CA ILE A 148 2.49 -7.62 -3.65
C ILE A 148 1.55 -8.52 -2.84
N PHE A 149 0.38 -7.97 -2.50
CA PHE A 149 -0.71 -8.73 -1.92
C PHE A 149 -1.92 -8.67 -2.84
N SER A 150 -2.82 -9.64 -2.69
CA SER A 150 -4.01 -9.71 -3.54
C SER A 150 -5.26 -9.90 -2.67
N PHE A 151 -6.39 -9.45 -3.21
CA PHE A 151 -7.68 -9.68 -2.56
C PHE A 151 -8.10 -11.14 -2.57
N THR A 152 -7.32 -12.03 -3.17
CA THR A 152 -7.60 -13.45 -3.17
C THR A 152 -6.65 -14.26 -2.30
N GLY A 153 -5.69 -13.60 -1.65
CA GLY A 153 -4.76 -14.29 -0.77
C GLY A 153 -3.42 -14.65 -1.37
N GLU A 154 -3.11 -14.17 -2.57
CA GLU A 154 -1.84 -14.46 -3.21
C GLU A 154 -0.83 -13.37 -2.89
N GLU A 155 0.45 -13.74 -2.92
CA GLU A 155 1.52 -12.78 -2.68
C GLU A 155 2.78 -13.22 -3.41
N MET A 156 3.49 -12.24 -3.97
CA MET A 156 4.76 -12.47 -4.66
C MET A 156 5.73 -11.37 -4.24
N ALA A 157 6.88 -11.78 -3.71
CA ALA A 157 7.92 -10.86 -3.29
C ALA A 157 9.18 -11.10 -4.09
N THR A 158 10.05 -10.10 -4.13
CA THR A 158 11.28 -10.24 -4.90
C THR A 158 12.23 -11.24 -4.24
N LYS A 159 12.83 -12.10 -5.06
CA LYS A 159 13.69 -13.20 -4.60
C LYS A 159 12.99 -14.08 -3.57
N ALA A 160 11.66 -14.18 -3.65
CA ALA A 160 10.84 -14.99 -2.75
C ALA A 160 11.14 -14.71 -1.27
N ASP A 161 11.68 -13.53 -0.97
CA ASP A 161 11.94 -13.11 0.41
C ASP A 161 10.75 -12.27 0.85
N TYR A 162 9.89 -12.87 1.68
CA TYR A 162 8.63 -12.26 2.08
C TYR A 162 8.77 -11.42 3.34
N THR A 163 10.00 -11.25 3.85
CA THR A 163 10.37 -10.34 4.94
C THR A 163 9.73 -10.68 6.28
N LEU A 164 8.41 -10.80 6.34
CA LEU A 164 7.69 -10.88 7.61
C LEU A 164 7.37 -12.31 8.00
N ASP A 165 6.86 -12.46 9.21
CA ASP A 165 6.36 -13.74 9.70
C ASP A 165 5.26 -14.26 8.80
N GLU A 166 5.07 -15.58 8.81
CA GLU A 166 3.88 -16.14 8.17
C GLU A 166 2.61 -15.60 8.80
N GLU A 167 2.60 -15.44 10.13
CA GLU A 167 1.41 -14.93 10.80
C GLU A 167 1.12 -13.49 10.42
N SER A 168 2.17 -12.68 10.26
CA SER A 168 1.96 -11.27 9.94
C SER A 168 1.39 -11.10 8.53
N ARG A 169 1.95 -11.81 7.55
CA ARG A 169 1.40 -11.74 6.20
C ARG A 169 -0.01 -12.31 6.15
N ALA A 170 -0.27 -13.38 6.92
CA ALA A 170 -1.60 -13.96 6.94
C ALA A 170 -2.64 -12.97 7.46
N ARG A 171 -2.29 -12.20 8.49
CA ARG A 171 -3.22 -11.19 9.00
C ARG A 171 -3.59 -10.19 7.92
N ILE A 172 -2.62 -9.79 7.11
CA ILE A 172 -2.89 -8.87 6.00
C ILE A 172 -3.86 -9.49 5.01
N LYS A 173 -3.62 -10.75 4.63
CA LYS A 173 -4.42 -11.40 3.59
C LYS A 173 -5.88 -11.52 4.01
N THR A 174 -6.12 -11.97 5.25
CA THR A 174 -7.50 -12.13 5.70
C THR A 174 -8.21 -10.79 5.80
N ARG A 175 -7.49 -9.73 6.14
CA ARG A 175 -8.09 -8.41 6.14
C ARG A 175 -8.53 -8.00 4.73
N LEU A 176 -7.67 -8.27 3.74
CA LEU A 176 -8.02 -7.93 2.36
C LEU A 176 -9.26 -8.69 1.90
N PHE A 177 -9.37 -9.97 2.25
CA PHE A 177 -10.55 -10.73 1.84
C PHE A 177 -11.80 -10.25 2.56
N THR A 178 -11.66 -9.79 3.81
CA THR A 178 -12.81 -9.22 4.52
C THR A 178 -13.31 -7.97 3.80
N ILE A 179 -12.39 -7.16 3.27
CA ILE A 179 -12.79 -5.95 2.56
C ILE A 179 -13.61 -6.30 1.32
N ARG A 180 -13.17 -7.31 0.56
CA ARG A 180 -13.90 -7.68 -0.64
C ARG A 180 -15.28 -8.26 -0.30
N GLN A 181 -15.37 -9.05 0.77
CA GLN A 181 -16.68 -9.55 1.20
C GLN A 181 -17.61 -8.40 1.55
N GLU A 182 -17.12 -7.41 2.28
CA GLU A 182 -17.96 -6.27 2.65
C GLU A 182 -18.37 -5.45 1.42
N MET A 183 -17.46 -5.31 0.45
CA MET A 183 -17.82 -4.65 -0.80
C MET A 183 -18.84 -5.48 -1.58
N ALA A 184 -18.63 -6.80 -1.64
CA ALA A 184 -19.54 -7.65 -2.41
C ALA A 184 -20.93 -7.68 -1.79
N SER A 185 -21.01 -7.69 -0.45
CA SER A 185 -22.30 -7.62 0.24
C SER A 185 -23.04 -6.33 -0.03
N ARG A 186 -22.38 -5.32 -0.58
CA ARG A 186 -23.03 -4.06 -0.95
C ARG A 186 -23.04 -3.84 -2.46
N SER A 187 -22.73 -4.87 -3.24
CA SER A 187 -22.73 -4.84 -4.70
C SER A 187 -21.70 -3.89 -5.29
N LEU A 188 -20.78 -3.40 -4.48
CA LEU A 188 -19.75 -2.47 -4.92
C LEU A 188 -18.49 -3.17 -5.40
N TRP A 189 -18.40 -4.49 -5.26
CA TRP A 189 -17.18 -5.20 -5.60
C TRP A 189 -16.96 -5.24 -7.11
N ASP A 190 -18.03 -5.43 -7.89
CA ASP A 190 -17.89 -5.53 -9.33
C ASP A 190 -17.35 -4.23 -9.92
N SER A 191 -17.91 -3.09 -9.49
CA SER A 191 -17.41 -1.81 -9.97
C SER A 191 -15.97 -1.58 -9.52
N PHE A 192 -15.62 -2.04 -8.32
CA PHE A 192 -14.26 -1.89 -7.83
C PHE A 192 -13.29 -2.76 -8.61
N ARG A 193 -13.72 -3.95 -9.03
CA ARG A 193 -12.84 -4.85 -9.77
C ARG A 193 -12.54 -4.31 -11.16
N GLN A 194 -13.53 -3.68 -11.81
CA GLN A 194 -13.38 -3.17 -13.16
C GLN A 194 -12.79 -1.76 -13.20
N SER A 195 -12.35 -1.23 -12.06
CA SER A 195 -11.80 0.12 -12.00
C SER A 195 -10.28 0.13 -12.13
N GLU A 196 -9.61 -0.91 -11.67
CA GLU A 196 -8.15 -0.95 -11.72
C GLU A 196 -7.64 -1.08 -13.15
MN MN B . 2.76 1.02 -2.92
MN MN C . 3.66 4.57 -2.14
C1 8KU D . 1.18 2.26 -4.90
C10 8KU D . -3.09 9.80 -4.64
C11 8KU D . -2.07 9.36 -3.80
C12 8KU D . -0.80 9.22 -4.35
C13 8KU D . 0.50 8.78 -3.73
C14 8KU D . 0.37 3.54 -6.75
C15 8KU D . -0.38 3.63 -8.06
C16 8KU D . -1.81 5.71 -8.16
C17 8KU D . -2.10 5.93 -6.69
C18 8KU D . -3.45 3.71 -5.44
C19 8KU D . -4.17 2.63 -5.95
C2 8KU D . 1.80 3.41 -4.44
C20 8KU D . -3.97 1.37 -5.44
C21 8KU D . -3.07 1.17 -4.42
C22 8KU D . -2.35 2.22 -3.91
C23 8KU D . -2.54 3.49 -4.41
C24 8KU D . 0.28 5.43 -9.49
C25 8KU D . 0.39 4.18 -10.32
C26 8KU D . 0.46 3.10 -9.25
C3 8KU D . 1.69 4.57 -5.16
C4 8KU D . 2.35 5.84 -4.69
C5 8KU D . 2.64 8.23 -5.07
C6 8KU D . 1.51 9.20 -4.82
C7 8KU D . -0.58 9.52 -5.68
C8 8KU D . -1.58 9.96 -6.53
C9 8KU D . -2.84 10.10 -5.98
N1 8KU D . 2.18 6.91 -5.45
N2 8KU D . 0.99 4.64 -6.31
N3 8KU D . -0.72 4.99 -8.51
N4 8KU D . 0.47 2.35 -6.08
O1 8KU D . 1.23 1.18 -4.30
O2 8KU D . 2.49 3.32 -3.30
O3 8KU D . 0.72 9.33 -6.06
O4 8KU D . 3.00 5.86 -3.64
O5 8KU D . -2.55 6.17 -9.02
S1 8KU D . -3.72 5.34 -6.12
CL1 8KU D . -1.62 4.80 -3.74
#